data_1II1
#
_entry.id   1II1
#
_entity_poly.entity_id   1
_entity_poly.type   'polydeoxyribonucleotide'
_entity_poly.pdbx_seq_one_letter_code
;(DA)(DG)(DG)(DA)(DT)(DC)(DC)(DU)(DT)(DT)(DT)(DG)(DG)(DA)(DT)(DC)(DC)(DT)
;
_entity_poly.pdbx_strand_id   A
#
loop_
_chem_comp.id
_chem_comp.type
_chem_comp.name
_chem_comp.formula
DA DNA linking 2'-DEOXYADENOSINE-5'-MONOPHOSPHATE 'C10 H14 N5 O6 P'
DC DNA linking 2'-DEOXYCYTIDINE-5'-MONOPHOSPHATE 'C9 H14 N3 O7 P'
DG DNA linking 2'-DEOXYGUANOSINE-5'-MONOPHOSPHATE 'C10 H14 N5 O7 P'
DT DNA linking THYMIDINE-5'-MONOPHOSPHATE 'C10 H15 N2 O8 P'
DU DNA linking 2'-DEOXYURIDINE-5'-MONOPHOSPHATE 'C9 H13 N2 O8 P'
#